data_5M1T
#
_entry.id   5M1T
#
_cell.length_a   46.370
_cell.length_b   116.110
_cell.length_c   52.140
_cell.angle_alpha   90.00
_cell.angle_beta   102.52
_cell.angle_gamma   90.00
#
_symmetry.space_group_name_H-M   'P 1 21 1'
#
loop_
_entity.id
_entity.type
_entity.pdbx_description
1 polymer 'MucR Phosphodiesterase'
2 non-polymer "9,9'-[(2R,3R,3aS,5S,7aR,9R,10R,10aS,12S,14aR)-3,5,10,12-tetrahydroxy-5,12-dioxidooctahydro-2H,7H-difuro[3,2-d:3',2'-j][1,3,7,9,2,8]tetraoxadiphosphacyclododecine-2,9-diyl]bis(2-amino-1,9-dihydro-6H-purin-6-one)"
3 non-polymer 'MAGNESIUM ION'
4 water water
#
_entity_poly.entity_id   1
_entity_poly.type   'polypeptide(L)'
_entity_poly.pdbx_seq_one_letter_code
;MGSSHHHHHHSSGLVPRGSHMSMNANAQEQLQLLHDLRQALERRQLVLHYQPKVLAPNGPMIGVEALLRWEHPQHGLITP
GQFLPLAEKTGLIVQIGEWVLDEACRQMRLWLDGGHADWNIAVNLSALQFAHAGLVDSVRNALLRHSLEPSHLILEVTES
TAMRDADASLVILEQLSAMGVGISIDDFGTGYSSLLYLKRLPASELKIDRGFINELAHDSDDAAIVSAIVALGRTLNLKI
VAEGVETEAQQEFLTRLGCNSLQGFLLGRPMPAEQLLASVA
;
_entity_poly.pdbx_strand_id   A,B
#
# COMPACT_ATOMS: atom_id res chain seq x y z
N LEU A 31 -22.63 -16.03 -4.98
CA LEU A 31 -22.22 -16.72 -3.70
C LEU A 31 -22.80 -15.96 -2.51
N GLN A 32 -23.41 -16.72 -1.59
CA GLN A 32 -24.14 -16.17 -0.47
C GLN A 32 -23.24 -15.33 0.45
N LEU A 33 -22.06 -15.87 0.76
CA LEU A 33 -21.09 -15.20 1.61
C LEU A 33 -20.72 -13.82 1.10
N LEU A 34 -20.51 -13.71 -0.20
CA LEU A 34 -20.19 -12.43 -0.85
C LEU A 34 -21.30 -11.40 -0.68
N HIS A 35 -22.53 -11.78 -0.99
CA HIS A 35 -23.66 -10.86 -0.79
C HIS A 35 -23.81 -10.47 0.68
N ASP A 36 -23.79 -11.47 1.53
CA ASP A 36 -23.91 -11.25 2.95
C ASP A 36 -22.81 -10.30 3.47
N LEU A 37 -21.56 -10.51 3.06
CA LEU A 37 -20.48 -9.65 3.56
C LEU A 37 -20.57 -8.21 3.07
N ARG A 38 -20.97 -8.04 1.80
CA ARG A 38 -21.21 -6.72 1.23
C ARG A 38 -22.16 -5.92 2.06
N GLN A 39 -23.20 -6.54 2.59
CA GLN A 39 -24.18 -5.76 3.31
C GLN A 39 -23.99 -5.78 4.82
N ALA A 40 -22.89 -6.38 5.30
CA ALA A 40 -22.70 -6.60 6.75
C ALA A 40 -22.64 -5.30 7.57
N LEU A 41 -21.95 -4.28 7.06
CA LEU A 41 -21.96 -2.95 7.70
C LEU A 41 -23.36 -2.30 7.68
N GLU A 42 -24.04 -2.35 6.53
CA GLU A 42 -25.42 -1.82 6.44
C GLU A 42 -26.34 -2.50 7.44
N ARG A 43 -26.10 -3.77 7.71
CA ARG A 43 -26.95 -4.52 8.62
C ARG A 43 -26.46 -4.50 10.07
N ARG A 44 -25.40 -3.76 10.37
CA ARG A 44 -24.75 -3.70 11.71
C ARG A 44 -24.41 -5.06 12.28
N GLN A 45 -23.99 -5.95 11.40
CA GLN A 45 -23.68 -7.29 11.82
C GLN A 45 -22.23 -7.40 12.27
N LEU A 46 -21.40 -6.39 11.96
CA LEU A 46 -19.98 -6.40 12.34
C LEU A 46 -19.75 -5.73 13.68
N VAL A 47 -19.03 -6.44 14.56
CA VAL A 47 -18.74 -5.96 15.92
C VAL A 47 -17.27 -6.17 16.27
N LEU A 48 -16.75 -5.35 17.18
CA LEU A 48 -15.40 -5.59 17.70
C LEU A 48 -15.42 -6.30 19.02
N HIS A 49 -14.58 -7.34 19.12
CA HIS A 49 -14.23 -7.90 20.41
C HIS A 49 -12.81 -7.45 20.74
N TYR A 50 -12.49 -7.45 22.02
CA TYR A 50 -11.25 -6.92 22.49
C TYR A 50 -10.62 -7.96 23.37
N GLN A 51 -9.35 -8.28 23.12
CA GLN A 51 -8.61 -9.19 23.98
C GLN A 51 -7.53 -8.49 24.81
N PRO A 52 -7.58 -8.66 26.13
CA PRO A 52 -6.60 -8.05 27.04
C PRO A 52 -5.18 -8.43 26.73
N LYS A 53 -4.25 -7.47 26.77
CA LYS A 53 -2.82 -7.79 26.78
C LYS A 53 -2.41 -7.41 28.19
N VAL A 54 -1.63 -8.27 28.83
CA VAL A 54 -1.36 -8.17 30.27
C VAL A 54 0.13 -8.26 30.52
N LEU A 55 0.67 -7.45 31.45
CA LEU A 55 2.07 -7.62 31.85
C LEU A 55 2.26 -9.00 32.47
N ALA A 56 3.37 -9.62 32.15
CA ALA A 56 3.65 -11.00 32.55
C ALA A 56 4.06 -11.04 34.02
N PRO A 57 3.57 -11.98 34.81
CA PRO A 57 2.72 -13.08 34.38
C PRO A 57 1.22 -12.78 34.30
N ASN A 58 0.74 -11.88 35.14
CA ASN A 58 -0.69 -11.58 35.18
C ASN A 58 -0.95 -10.13 35.57
N GLY A 59 0.07 -9.30 35.32
CA GLY A 59 0.31 -7.99 35.96
C GLY A 59 -0.77 -7.13 35.42
N PRO A 60 -0.68 -5.81 35.55
CA PRO A 60 -1.81 -5.05 35.02
C PRO A 60 -2.00 -5.24 33.50
N MET A 61 -3.27 -5.21 33.12
CA MET A 61 -3.72 -5.07 31.76
C MET A 61 -3.13 -3.76 31.25
N ILE A 62 -2.41 -3.83 30.12
CA ILE A 62 -1.81 -2.64 29.47
C ILE A 62 -2.52 -2.23 28.18
N GLY A 63 -3.61 -2.91 27.84
CA GLY A 63 -4.39 -2.59 26.65
C GLY A 63 -5.19 -3.76 26.11
N VAL A 64 -5.68 -3.61 24.88
CA VAL A 64 -6.36 -4.68 24.21
C VAL A 64 -5.98 -4.76 22.73
N GLU A 65 -6.19 -5.93 22.13
CA GLU A 65 -6.21 -6.04 20.69
C GLU A 65 -7.67 -6.06 20.21
N ALA A 66 -8.00 -5.22 19.24
CA ALA A 66 -9.30 -5.25 18.61
C ALA A 66 -9.36 -6.38 17.60
N LEU A 67 -10.42 -7.16 17.68
CA LEU A 67 -10.61 -8.35 16.86
C LEU A 67 -12.05 -8.40 16.28
N LEU A 68 -12.13 -8.45 14.96
CA LEU A 68 -13.39 -8.33 14.28
C LEU A 68 -14.17 -9.63 14.38
N ARG A 69 -15.48 -9.50 14.60
CA ARG A 69 -16.39 -10.63 14.57
C ARG A 69 -17.62 -10.30 13.68
N TRP A 70 -18.25 -11.32 13.15
CA TRP A 70 -19.45 -11.08 12.33
C TRP A 70 -20.61 -11.87 12.95
N GLU A 71 -21.55 -11.16 13.55
CA GLU A 71 -22.78 -11.76 14.04
C GLU A 71 -23.71 -12.01 12.88
N HIS A 72 -23.68 -13.23 12.38
CA HIS A 72 -24.50 -13.60 11.25
C HIS A 72 -25.88 -14.18 11.67
N PRO A 73 -26.96 -13.62 11.09
CA PRO A 73 -28.29 -14.08 11.53
C PRO A 73 -28.54 -15.59 11.32
N GLN A 74 -28.03 -16.19 10.24
CA GLN A 74 -28.07 -17.66 10.09
C GLN A 74 -26.90 -18.42 10.78
N HIS A 75 -25.65 -18.08 10.47
CA HIS A 75 -24.50 -18.87 10.92
C HIS A 75 -24.01 -18.55 12.33
N GLY A 76 -24.46 -17.43 12.90
CA GLY A 76 -23.99 -17.03 14.22
C GLY A 76 -22.67 -16.28 14.12
N LEU A 77 -21.93 -16.25 15.22
CA LEU A 77 -20.73 -15.45 15.33
C LEU A 77 -19.56 -15.99 14.52
N ILE A 78 -19.28 -15.36 13.38
CA ILE A 78 -18.25 -15.82 12.47
C ILE A 78 -16.93 -15.11 12.78
N THR A 79 -15.86 -15.90 12.74
CA THR A 79 -14.50 -15.40 13.02
C THR A 79 -13.85 -14.92 11.74
N PRO A 80 -12.93 -13.97 11.85
CA PRO A 80 -12.42 -13.35 10.64
C PRO A 80 -11.62 -14.26 9.70
N GLY A 81 -11.08 -15.38 10.16
CA GLY A 81 -10.44 -16.33 9.27
C GLY A 81 -11.41 -16.86 8.22
N GLN A 82 -12.70 -16.81 8.53
CA GLN A 82 -13.73 -17.34 7.64
C GLN A 82 -14.19 -16.33 6.57
N PHE A 83 -13.81 -15.07 6.68
CA PHE A 83 -14.25 -14.05 5.71
C PHE A 83 -13.27 -12.93 5.37
N LEU A 84 -12.19 -12.74 6.13
CA LEU A 84 -11.23 -11.69 5.77
C LEU A 84 -10.48 -11.92 4.46
N PRO A 85 -10.23 -13.18 4.04
CA PRO A 85 -9.61 -13.37 2.75
C PRO A 85 -10.48 -12.93 1.56
N LEU A 86 -11.79 -13.19 1.65
CA LEU A 86 -12.76 -12.67 0.69
C LEU A 86 -12.78 -11.14 0.74
N ALA A 87 -12.72 -10.58 1.95
CA ALA A 87 -12.68 -9.13 2.09
C ALA A 87 -11.43 -8.54 1.46
N GLU A 88 -10.29 -9.22 1.61
CA GLU A 88 -9.01 -8.76 1.03
C GLU A 88 -9.09 -8.78 -0.48
N LYS A 89 -9.46 -9.93 -1.05
CA LYS A 89 -9.58 -10.13 -2.50
C LYS A 89 -10.56 -9.17 -3.21
N THR A 90 -11.67 -8.85 -2.54
CA THR A 90 -12.71 -7.99 -3.11
C THR A 90 -12.48 -6.51 -2.86
N GLY A 91 -11.66 -6.18 -1.86
CA GLY A 91 -11.46 -4.79 -1.49
C GLY A 91 -12.48 -4.29 -0.48
N LEU A 92 -13.43 -5.14 -0.08
CA LEU A 92 -14.33 -4.79 1.04
C LEU A 92 -13.56 -4.52 2.33
N ILE A 93 -12.37 -5.09 2.47
CA ILE A 93 -11.52 -4.86 3.65
C ILE A 93 -11.22 -3.37 3.87
N VAL A 94 -11.25 -2.53 2.84
CA VAL A 94 -10.96 -1.13 3.01
C VAL A 94 -12.00 -0.44 3.93
N GLN A 95 -13.30 -0.60 3.63
CA GLN A 95 -14.30 0.11 4.37
C GLN A 95 -14.59 -0.62 5.67
N ILE A 96 -14.40 -1.93 5.68
CA ILE A 96 -14.48 -2.69 6.93
C ILE A 96 -13.41 -2.18 7.89
N GLY A 97 -12.24 -1.89 7.35
CA GLY A 97 -11.15 -1.36 8.14
C GLY A 97 -11.36 0.06 8.61
N GLU A 98 -11.93 0.91 7.78
CA GLU A 98 -12.37 2.24 8.23
C GLU A 98 -13.28 2.13 9.42
N TRP A 99 -14.23 1.20 9.37
CA TRP A 99 -15.19 1.04 10.45
C TRP A 99 -14.49 0.50 11.71
N VAL A 100 -13.62 -0.47 11.52
CA VAL A 100 -12.84 -1.01 12.65
C VAL A 100 -12.01 0.07 13.35
N LEU A 101 -11.25 0.82 12.58
CA LEU A 101 -10.41 1.89 13.11
C LEU A 101 -11.22 2.95 13.85
N ASP A 102 -12.33 3.39 13.24
CA ASP A 102 -13.25 4.36 13.87
C ASP A 102 -13.78 3.88 15.23
N GLU A 103 -14.35 2.70 15.27
CA GLU A 103 -14.92 2.11 16.47
C GLU A 103 -13.86 1.83 17.55
N ALA A 104 -12.67 1.44 17.13
CA ALA A 104 -11.59 1.21 18.07
C ALA A 104 -11.16 2.53 18.70
N CYS A 105 -11.08 3.56 17.88
CA CYS A 105 -10.67 4.87 18.40
C CYS A 105 -11.75 5.43 19.30
N ARG A 106 -13.01 5.20 18.96
CA ARG A 106 -14.13 5.67 19.75
C ARG A 106 -14.08 5.02 21.11
N GLN A 107 -13.87 3.72 21.10
CA GLN A 107 -13.79 2.95 22.32
C GLN A 107 -12.64 3.35 23.23
N MET A 108 -11.45 3.56 22.65
CA MET A 108 -10.30 3.94 23.45
C MET A 108 -10.54 5.29 24.14
N ARG A 109 -11.05 6.26 23.35
CA ARG A 109 -11.43 7.55 23.90
C ARG A 109 -12.36 7.39 25.11
N LEU A 110 -13.43 6.63 24.95
CA LEU A 110 -14.39 6.36 26.01
C LEU A 110 -13.71 5.78 27.28
N TRP A 111 -12.86 4.79 27.06
CA TRP A 111 -12.09 4.22 28.14
C TRP A 111 -11.16 5.21 28.81
N LEU A 112 -10.46 6.01 28.02
CA LEU A 112 -9.57 7.02 28.61
C LEU A 112 -10.37 8.01 29.48
N ASP A 113 -11.55 8.37 29.01
CA ASP A 113 -12.40 9.30 29.74
C ASP A 113 -13.01 8.61 30.96
N GLY A 114 -13.00 7.28 30.98
CA GLY A 114 -13.46 6.50 32.13
C GLY A 114 -12.30 6.20 33.08
N GLY A 115 -11.12 6.70 32.76
CA GLY A 115 -10.02 6.68 33.69
C GLY A 115 -9.06 5.53 33.50
N HIS A 116 -9.09 4.87 32.35
CA HIS A 116 -8.12 3.80 32.06
C HIS A 116 -6.92 4.32 31.29
N ALA A 117 -6.13 5.10 32.01
CA ALA A 117 -5.01 5.88 31.46
C ALA A 117 -3.84 5.10 30.88
N ASP A 118 -3.69 3.85 31.29
CA ASP A 118 -2.53 3.10 30.85
C ASP A 118 -2.93 1.98 29.89
N TRP A 119 -4.06 2.16 29.20
CA TRP A 119 -4.45 1.23 28.13
C TRP A 119 -4.19 1.82 26.75
N ASN A 120 -3.74 0.95 25.87
CA ASN A 120 -3.68 1.22 24.45
C ASN A 120 -4.57 0.27 23.66
N ILE A 121 -4.84 0.60 22.41
CA ILE A 121 -5.61 -0.31 21.59
C ILE A 121 -4.85 -0.65 20.32
N ALA A 122 -4.82 -1.94 20.02
CA ALA A 122 -4.10 -2.44 18.86
C ALA A 122 -5.07 -2.86 17.75
N VAL A 123 -4.84 -2.38 16.54
CA VAL A 123 -5.71 -2.68 15.40
C VAL A 123 -4.89 -3.37 14.31
N ASN A 124 -5.42 -4.43 13.75
CA ASN A 124 -4.70 -5.16 12.72
C ASN A 124 -4.80 -4.53 11.36
N LEU A 125 -3.69 -4.58 10.59
CA LEU A 125 -3.68 -4.16 9.19
C LEU A 125 -3.28 -5.31 8.26
N SER A 126 -4.15 -5.62 7.31
CA SER A 126 -3.87 -6.58 6.25
C SER A 126 -2.82 -5.99 5.32
N ALA A 127 -2.32 -6.81 4.41
CA ALA A 127 -1.35 -6.37 3.43
C ALA A 127 -1.91 -5.25 2.53
N LEU A 128 -3.17 -5.33 2.15
CA LEU A 128 -3.77 -4.33 1.29
C LEU A 128 -3.96 -3.00 2.06
N GLN A 129 -4.40 -3.08 3.32
CA GLN A 129 -4.56 -1.87 4.12
C GLN A 129 -3.22 -1.21 4.35
N PHE A 130 -2.17 -2.01 4.59
CA PHE A 130 -0.85 -1.46 4.87
C PHE A 130 -0.29 -0.71 3.64
N ALA A 131 -0.61 -1.21 2.44
CA ALA A 131 -0.14 -0.63 1.19
C ALA A 131 -1.07 0.45 0.63
N HIS A 132 -2.25 0.65 1.24
CA HIS A 132 -3.24 1.56 0.69
C HIS A 132 -2.72 2.99 0.72
N ALA A 133 -2.80 3.68 -0.40
CA ALA A 133 -2.30 5.05 -0.49
C ALA A 133 -2.80 5.98 0.62
N GLY A 134 -4.02 5.74 1.09
CA GLY A 134 -4.65 6.57 2.08
C GLY A 134 -4.47 6.15 3.53
N LEU A 135 -3.73 5.08 3.80
CA LEU A 135 -3.60 4.58 5.16
C LEU A 135 -3.30 5.64 6.19
N VAL A 136 -2.25 6.42 5.97
CA VAL A 136 -1.80 7.43 6.94
C VAL A 136 -2.78 8.57 7.16
N ASP A 137 -3.42 9.03 6.09
CA ASP A 137 -4.42 10.07 6.21
C ASP A 137 -5.58 9.54 7.01
N SER A 138 -5.95 8.29 6.78
CA SER A 138 -7.09 7.64 7.48
C SER A 138 -6.80 7.46 8.98
N VAL A 139 -5.55 7.17 9.33
CA VAL A 139 -5.21 7.03 10.74
C VAL A 139 -5.28 8.39 11.39
N ARG A 140 -4.63 9.36 10.78
CA ARG A 140 -4.67 10.75 11.27
C ARG A 140 -6.13 11.23 11.42
N ASN A 141 -6.97 11.03 10.41
CA ASN A 141 -8.37 11.47 10.50
C ASN A 141 -9.13 10.79 11.65
N ALA A 142 -8.93 9.48 11.84
CA ALA A 142 -9.65 8.74 12.90
C ALA A 142 -9.27 9.20 14.31
N LEU A 143 -7.99 9.48 14.53
CA LEU A 143 -7.50 10.00 15.81
C LEU A 143 -8.07 11.41 16.07
N LEU A 144 -8.06 12.27 15.05
CA LEU A 144 -8.62 13.62 15.17
C LEU A 144 -10.15 13.58 15.44
N ARG A 145 -10.89 12.79 14.67
CA ARG A 145 -12.34 12.60 14.87
C ARG A 145 -12.75 12.27 16.31
N HIS A 146 -11.95 11.45 16.98
CA HIS A 146 -12.25 10.99 18.34
C HIS A 146 -11.37 11.62 19.40
N SER A 147 -10.64 12.69 19.02
CA SER A 147 -9.72 13.38 19.94
C SER A 147 -8.84 12.40 20.72
N LEU A 148 -8.18 11.51 20.01
CA LEU A 148 -7.44 10.43 20.63
C LEU A 148 -5.94 10.63 20.44
N GLU A 149 -5.20 10.72 21.53
CA GLU A 149 -3.75 10.85 21.45
C GLU A 149 -3.17 9.66 20.71
N PRO A 150 -2.25 9.91 19.78
CA PRO A 150 -1.78 8.85 18.89
C PRO A 150 -1.04 7.73 19.62
N SER A 151 -0.47 8.03 20.79
CA SER A 151 0.24 7.04 21.58
C SER A 151 -0.68 5.95 22.15
N HIS A 152 -2.00 6.17 22.11
CA HIS A 152 -2.93 5.15 22.62
C HIS A 152 -3.43 4.16 21.56
N LEU A 153 -2.90 4.30 20.35
CA LEU A 153 -3.23 3.43 19.24
C LEU A 153 -1.98 2.63 18.83
N ILE A 154 -2.16 1.34 18.60
CA ILE A 154 -1.09 0.47 18.15
C ILE A 154 -1.56 -0.13 16.84
N LEU A 155 -0.70 -0.12 15.83
CA LEU A 155 -1.04 -0.74 14.57
C LEU A 155 -0.15 -1.97 14.39
N GLU A 156 -0.80 -3.11 14.11
CA GLU A 156 -0.12 -4.38 13.91
C GLU A 156 -0.03 -4.81 12.42
N VAL A 157 1.18 -4.94 11.92
CA VAL A 157 1.44 -5.41 10.56
C VAL A 157 2.25 -6.70 10.71
N THR A 158 1.94 -7.70 9.90
CA THR A 158 2.60 -8.98 10.09
C THR A 158 4.06 -8.89 9.63
N GLU A 159 4.88 -9.80 10.12
CA GLU A 159 6.25 -9.95 9.66
C GLU A 159 6.32 -10.00 8.13
N SER A 160 5.46 -10.80 7.51
CA SER A 160 5.49 -11.00 6.05
C SER A 160 5.19 -9.69 5.37
N THR A 161 4.15 -9.02 5.87
CA THR A 161 3.67 -7.79 5.25
C THR A 161 4.78 -6.78 5.29
N ALA A 162 5.44 -6.67 6.43
CA ALA A 162 6.44 -5.62 6.64
C ALA A 162 7.67 -5.91 5.80
N MET A 163 8.06 -7.17 5.73
CA MET A 163 9.31 -7.57 5.07
C MET A 163 9.16 -7.76 3.55
N ARG A 164 7.95 -7.84 3.04
CA ARG A 164 7.80 -8.01 1.60
C ARG A 164 8.52 -6.88 0.83
N ASP A 165 8.21 -5.63 1.12
CA ASP A 165 9.00 -4.53 0.52
C ASP A 165 9.47 -3.60 1.65
N ALA A 166 10.59 -3.95 2.27
CA ALA A 166 11.02 -3.29 3.50
C ALA A 166 11.31 -1.79 3.35
N ASP A 167 11.82 -1.38 2.20
CA ASP A 167 12.03 0.04 1.94
C ASP A 167 10.72 0.81 1.92
N ALA A 168 9.69 0.22 1.37
CA ALA A 168 8.36 0.86 1.34
C ALA A 168 7.71 0.81 2.71
N SER A 169 7.89 -0.31 3.42
CA SER A 169 7.35 -0.42 4.78
C SER A 169 7.93 0.71 5.64
N LEU A 170 9.19 1.04 5.37
CA LEU A 170 9.93 2.00 6.19
C LEU A 170 9.33 3.39 6.03
N VAL A 171 9.03 3.76 4.81
CA VAL A 171 8.46 5.08 4.55
C VAL A 171 7.12 5.19 5.27
N ILE A 172 6.27 4.17 5.10
CA ILE A 172 4.96 4.13 5.77
C ILE A 172 5.05 4.14 7.31
N LEU A 173 5.84 3.25 7.86
CA LEU A 173 5.91 3.13 9.30
C LEU A 173 6.57 4.36 9.97
N GLU A 174 7.60 4.93 9.34
CA GLU A 174 8.20 6.15 9.85
C GLU A 174 7.17 7.29 9.97
N GLN A 175 6.33 7.48 8.96
CA GLN A 175 5.27 8.47 9.05
C GLN A 175 4.37 8.21 10.26
N LEU A 176 3.85 6.99 10.36
CA LEU A 176 2.98 6.60 11.46
C LEU A 176 3.64 6.80 12.84
N SER A 177 4.92 6.49 12.94
CA SER A 177 5.67 6.58 14.19
C SER A 177 5.94 8.06 14.57
N ALA A 178 6.18 8.90 13.58
CA ALA A 178 6.37 10.34 13.80
C ALA A 178 5.09 10.99 14.31
N MET A 179 3.93 10.46 13.90
CA MET A 179 2.63 10.94 14.41
C MET A 179 2.41 10.51 15.86
N GLY A 180 3.19 9.55 16.33
CA GLY A 180 3.09 9.09 17.71
C GLY A 180 2.37 7.76 17.88
N VAL A 181 2.03 7.12 16.77
CA VAL A 181 1.35 5.82 16.82
C VAL A 181 2.33 4.67 17.10
N GLY A 182 1.92 3.72 17.94
CA GLY A 182 2.77 2.56 18.23
C GLY A 182 2.72 1.57 17.06
N ILE A 183 3.86 0.94 16.75
CA ILE A 183 3.93 -0.04 15.67
C ILE A 183 4.35 -1.42 16.19
N SER A 184 3.51 -2.42 15.95
CA SER A 184 3.77 -3.80 16.37
C SER A 184 3.94 -4.71 15.14
N ILE A 185 4.95 -5.57 15.19
CA ILE A 185 5.12 -6.60 14.15
C ILE A 185 4.48 -7.90 14.62
N ASP A 186 3.40 -8.26 13.96
CA ASP A 186 2.52 -9.35 14.38
C ASP A 186 2.97 -10.72 13.79
N ASP A 187 2.41 -11.80 14.31
CA ASP A 187 2.69 -13.16 13.80
C ASP A 187 4.19 -13.42 13.60
N PHE A 188 4.99 -12.93 14.52
CA PHE A 188 6.43 -12.99 14.35
C PHE A 188 6.91 -14.44 14.48
N GLY A 189 7.79 -14.82 13.56
CA GLY A 189 8.32 -16.17 13.51
C GLY A 189 7.77 -16.87 12.29
N THR A 190 6.66 -16.38 11.75
CA THR A 190 6.03 -16.98 10.57
C THR A 190 6.55 -16.50 9.21
N GLY A 191 7.28 -15.38 9.19
CA GLY A 191 7.79 -14.84 7.96
C GLY A 191 9.31 -14.93 7.93
N TYR A 192 9.89 -14.14 7.05
CA TYR A 192 11.34 -14.07 6.89
C TYR A 192 11.78 -12.62 7.10
N SER A 193 12.62 -12.38 8.11
CA SER A 193 13.07 -11.02 8.45
C SER A 193 14.52 -10.78 8.16
N SER A 194 14.81 -9.59 7.64
CA SER A 194 16.16 -9.05 7.61
C SER A 194 16.45 -8.39 8.96
N LEU A 195 17.48 -8.86 9.66
CA LEU A 195 17.88 -8.22 10.92
C LEU A 195 18.21 -6.76 10.74
N LEU A 196 18.78 -6.43 9.59
CA LEU A 196 19.04 -5.03 9.26
C LEU A 196 17.77 -4.18 9.28
N TYR A 197 16.76 -4.58 8.52
CA TYR A 197 15.52 -3.79 8.48
C TYR A 197 14.73 -3.99 9.75
N LEU A 198 14.89 -5.11 10.42
CA LEU A 198 14.21 -5.29 11.69
C LEU A 198 14.66 -4.21 12.70
N LYS A 199 15.92 -3.82 12.64
CA LYS A 199 16.44 -2.76 13.51
C LYS A 199 16.01 -1.36 13.00
N ARG A 200 16.01 -1.17 11.70
CA ARG A 200 15.66 0.12 11.13
C ARG A 200 14.20 0.50 11.28
N LEU A 201 13.30 -0.47 11.27
CA LEU A 201 11.88 -0.19 11.42
C LEU A 201 11.60 0.40 12.79
N PRO A 202 10.73 1.40 12.86
CA PRO A 202 10.36 2.04 14.14
C PRO A 202 9.25 1.25 14.83
N ALA A 203 9.46 -0.06 14.95
CA ALA A 203 8.56 -0.91 15.67
C ALA A 203 8.84 -0.72 17.13
N SER A 204 7.87 -1.03 17.95
CA SER A 204 7.96 -0.92 19.38
C SER A 204 7.82 -2.27 20.01
N GLU A 205 7.17 -3.20 19.31
CA GLU A 205 6.98 -4.56 19.86
C GLU A 205 6.93 -5.63 18.78
N LEU A 206 7.38 -6.83 19.14
CA LEU A 206 7.12 -8.00 18.37
C LEU A 206 6.11 -8.87 19.10
N LYS A 207 5.22 -9.50 18.32
CA LYS A 207 4.23 -10.45 18.86
C LYS A 207 4.53 -11.86 18.37
N ILE A 208 4.98 -12.72 19.29
CA ILE A 208 5.28 -14.08 18.93
C ILE A 208 4.02 -14.80 18.44
N ASP A 209 4.11 -15.49 17.30
CA ASP A 209 2.90 -16.10 16.74
C ASP A 209 2.42 -17.21 17.66
N ARG A 210 1.10 -17.26 17.84
CA ARG A 210 0.48 -18.24 18.73
C ARG A 210 0.84 -19.65 18.36
N GLY A 211 1.15 -19.91 17.09
CA GLY A 211 1.57 -21.24 16.63
C GLY A 211 2.75 -21.79 17.41
N PHE A 212 3.69 -20.92 17.75
CA PHE A 212 4.86 -21.34 18.50
C PHE A 212 4.59 -21.60 19.97
N ILE A 213 3.62 -20.89 20.52
CA ILE A 213 3.20 -21.12 21.90
C ILE A 213 2.49 -22.48 22.03
N ASN A 214 1.57 -22.73 21.10
CA ASN A 214 0.75 -23.93 21.13
C ASN A 214 1.55 -25.21 20.93
N GLU A 215 2.63 -25.15 20.16
CA GLU A 215 3.42 -26.34 19.89
C GLU A 215 4.50 -26.63 20.95
N LEU A 216 4.65 -25.78 21.97
CA LEU A 216 5.81 -25.92 22.89
C LEU A 216 5.88 -27.30 23.53
N ALA A 217 4.74 -27.84 23.96
CA ALA A 217 4.69 -29.17 24.55
C ALA A 217 4.85 -30.30 23.54
N HIS A 218 4.96 -30.00 22.25
CA HIS A 218 4.97 -31.06 21.23
C HIS A 218 6.10 -30.99 20.21
N ASP A 219 7.09 -30.11 20.43
CA ASP A 219 8.25 -29.97 19.54
C ASP A 219 9.43 -29.28 20.24
N SER A 220 10.60 -29.91 20.30
CA SER A 220 11.71 -29.32 21.07
C SER A 220 12.30 -28.03 20.44
N ASP A 221 12.06 -27.89 19.14
CA ASP A 221 12.54 -26.73 18.40
C ASP A 221 11.77 -25.47 18.79
N ASP A 222 10.50 -25.58 19.13
CA ASP A 222 9.69 -24.39 19.35
C ASP A 222 10.17 -23.57 20.53
N ALA A 223 10.59 -24.20 21.62
CA ALA A 223 11.08 -23.48 22.77
C ALA A 223 12.32 -22.64 22.44
N ALA A 224 13.21 -23.19 21.60
CA ALA A 224 14.38 -22.46 21.18
C ALA A 224 13.98 -21.25 20.34
N ILE A 225 12.99 -21.44 19.47
CA ILE A 225 12.56 -20.37 18.58
C ILE A 225 11.95 -19.25 19.40
N VAL A 226 11.10 -19.62 20.36
CA VAL A 226 10.49 -18.60 21.23
C VAL A 226 11.57 -17.86 22.02
N SER A 227 12.56 -18.58 22.51
CA SER A 227 13.64 -17.96 23.25
C SER A 227 14.40 -16.99 22.39
N ALA A 228 14.63 -17.37 21.14
CA ALA A 228 15.35 -16.50 20.21
C ALA A 228 14.56 -15.20 19.96
N ILE A 229 13.23 -15.30 19.80
CA ILE A 229 12.40 -14.10 19.56
C ILE A 229 12.50 -13.13 20.76
N VAL A 230 12.41 -13.68 21.98
CA VAL A 230 12.57 -12.90 23.19
C VAL A 230 13.93 -12.22 23.18
N ALA A 231 14.95 -12.93 22.78
CA ALA A 231 16.29 -12.33 22.76
C ALA A 231 16.43 -11.25 21.68
N LEU A 232 15.76 -11.41 20.56
CA LEU A 232 15.70 -10.34 19.57
C LEU A 232 15.08 -9.05 20.16
N GLY A 233 13.98 -9.21 20.90
CA GLY A 233 13.39 -8.08 21.61
C GLY A 233 14.38 -7.42 22.52
N ARG A 234 15.06 -8.22 23.33
CA ARG A 234 16.00 -7.68 24.31
C ARG A 234 17.17 -6.91 23.64
N THR A 235 17.71 -7.45 22.54
CA THR A 235 18.88 -6.87 21.89
C THR A 235 18.52 -5.74 20.92
N LEU A 236 17.33 -5.77 20.32
CA LEU A 236 16.86 -4.70 19.45
C LEU A 236 15.94 -3.68 20.14
N ASN A 237 15.72 -3.87 21.43
CA ASN A 237 14.94 -2.93 22.21
C ASN A 237 13.49 -2.88 21.78
N LEU A 238 12.88 -4.05 21.71
CA LEU A 238 11.48 -4.16 21.40
C LEU A 238 10.79 -4.95 22.50
N LYS A 239 9.64 -4.46 22.94
CA LYS A 239 8.82 -5.24 23.84
C LYS A 239 8.38 -6.52 23.13
N ILE A 240 8.32 -7.61 23.88
CA ILE A 240 7.82 -8.89 23.35
C ILE A 240 6.44 -9.28 23.94
N VAL A 241 5.49 -9.59 23.06
CA VAL A 241 4.20 -10.07 23.49
C VAL A 241 4.10 -11.54 23.11
N ALA A 242 3.76 -12.37 24.09
CA ALA A 242 3.46 -13.77 23.76
C ALA A 242 1.97 -13.88 23.57
N GLU A 243 1.57 -14.50 22.47
CA GLU A 243 0.16 -14.59 22.08
C GLU A 243 -0.27 -16.07 22.06
N GLY A 244 -1.51 -16.35 22.45
CA GLY A 244 -2.01 -17.72 22.47
C GLY A 244 -1.76 -18.45 23.78
N VAL A 245 -1.59 -17.73 24.87
CA VAL A 245 -1.30 -18.35 26.15
C VAL A 245 -2.58 -18.99 26.68
N GLU A 246 -2.59 -20.31 26.71
CA GLU A 246 -3.73 -21.08 27.18
C GLU A 246 -3.53 -21.85 28.48
N THR A 247 -2.30 -22.12 28.90
CA THR A 247 -2.09 -22.96 30.06
C THR A 247 -1.22 -22.27 31.10
N GLU A 248 -1.33 -22.71 32.34
CA GLU A 248 -0.49 -22.17 33.42
C GLU A 248 0.99 -22.39 33.14
N ALA A 249 1.34 -23.54 32.58
CA ALA A 249 2.75 -23.84 32.33
C ALA A 249 3.36 -22.98 31.23
N GLN A 250 2.60 -22.69 30.17
CA GLN A 250 3.02 -21.69 29.17
C GLN A 250 3.25 -20.31 29.82
N GLN A 251 2.30 -19.89 30.63
CA GLN A 251 2.40 -18.62 31.35
C GLN A 251 3.67 -18.56 32.16
N GLU A 252 3.92 -19.58 32.95
CA GLU A 252 5.11 -19.64 33.81
C GLU A 252 6.38 -19.63 32.97
N PHE A 253 6.42 -20.43 31.92
CA PHE A 253 7.60 -20.53 31.10
C PHE A 253 7.88 -19.22 30.37
N LEU A 254 6.82 -18.66 29.81
CA LEU A 254 7.00 -17.41 29.06
C LEU A 254 7.42 -16.29 29.96
N THR A 255 6.92 -16.30 31.19
CA THR A 255 7.29 -15.29 32.17
C THR A 255 8.78 -15.41 32.53
N ARG A 256 9.21 -16.64 32.80
CA ARG A 256 10.60 -16.89 33.16
C ARG A 256 11.55 -16.51 32.04
N LEU A 257 11.12 -16.65 30.79
CA LEU A 257 11.93 -16.23 29.64
C LEU A 257 12.12 -14.74 29.61
N GLY A 258 11.15 -14.01 30.13
CA GLY A 258 11.24 -12.58 30.17
C GLY A 258 10.35 -11.89 29.16
N CYS A 259 9.24 -12.52 28.75
CA CYS A 259 8.27 -11.83 27.91
C CYS A 259 7.72 -10.63 28.68
N ASN A 260 7.48 -9.52 28.00
CA ASN A 260 7.00 -8.33 28.67
C ASN A 260 5.52 -8.50 28.95
N SER A 261 4.77 -8.96 27.95
CA SER A 261 3.35 -9.08 28.07
C SER A 261 2.80 -10.33 27.39
N LEU A 262 1.62 -10.74 27.87
CA LEU A 262 1.00 -11.98 27.43
C LEU A 262 -0.41 -11.69 26.94
N GLN A 263 -0.85 -12.50 25.99
CA GLN A 263 -2.20 -12.44 25.48
C GLN A 263 -2.67 -13.88 25.24
N GLY A 264 -3.89 -14.19 25.68
CA GLY A 264 -4.37 -15.54 25.47
C GLY A 264 -5.61 -15.84 26.26
N PHE A 265 -6.26 -16.95 25.91
CA PHE A 265 -7.48 -17.39 26.57
C PHE A 265 -7.34 -17.54 28.09
N LEU A 266 -6.17 -17.94 28.56
CA LEU A 266 -5.94 -18.11 30.00
C LEU A 266 -6.09 -16.77 30.72
N LEU A 267 -5.64 -15.70 30.09
CA LEU A 267 -5.68 -14.38 30.69
C LEU A 267 -6.96 -13.59 30.38
N GLY A 268 -7.69 -14.01 29.36
CA GLY A 268 -8.94 -13.37 29.01
C GLY A 268 -9.22 -13.50 27.52
N ARG A 269 -10.38 -14.06 27.19
CA ARG A 269 -10.76 -14.24 25.81
C ARG A 269 -11.22 -12.90 25.20
N PRO A 270 -11.24 -12.82 23.87
CA PRO A 270 -11.85 -11.67 23.21
C PRO A 270 -13.29 -11.55 23.67
N MET A 271 -13.70 -10.33 24.02
CA MET A 271 -15.08 -10.10 24.37
C MET A 271 -15.50 -8.67 23.99
N PRO A 272 -16.82 -8.41 23.88
CA PRO A 272 -17.28 -7.05 23.63
C PRO A 272 -16.90 -6.07 24.78
N ALA A 273 -16.75 -4.81 24.41
CA ALA A 273 -16.24 -3.77 25.31
C ALA A 273 -17.02 -3.74 26.63
N GLU A 274 -18.34 -3.87 26.54
CA GLU A 274 -19.17 -3.82 27.73
C GLU A 274 -18.89 -4.99 28.67
N GLN A 275 -18.93 -6.22 28.14
CA GLN A 275 -18.66 -7.42 28.95
C GLN A 275 -17.27 -7.39 29.58
N LEU A 276 -16.29 -6.81 28.88
CA LEU A 276 -14.95 -6.65 29.42
C LEU A 276 -14.96 -5.79 30.67
N LEU A 277 -15.75 -4.71 30.61
CA LEU A 277 -16.04 -3.79 31.73
C LEU A 277 -15.02 -2.65 31.76
N ARG B 44 17.23 2.59 -39.27
CA ARG B 44 16.86 2.70 -37.82
C ARG B 44 17.27 4.04 -37.21
N GLN B 45 16.51 5.10 -37.49
CA GLN B 45 16.85 6.42 -36.92
C GLN B 45 16.05 6.74 -35.65
N LEU B 46 15.32 5.75 -35.14
CA LEU B 46 14.48 5.93 -33.94
C LEU B 46 15.24 5.60 -32.65
N VAL B 47 15.19 6.52 -31.68
CA VAL B 47 15.86 6.33 -30.41
C VAL B 47 14.96 6.67 -29.22
N LEU B 48 15.13 5.93 -28.14
CA LEU B 48 14.49 6.25 -26.87
C LEU B 48 15.37 7.09 -25.96
N HIS B 49 14.79 8.13 -25.39
CA HIS B 49 15.38 8.82 -24.27
C HIS B 49 14.57 8.43 -23.04
N TYR B 50 15.21 8.51 -21.89
CA TYR B 50 14.63 8.05 -20.64
C TYR B 50 14.67 9.18 -19.66
N GLN B 51 13.52 9.47 -19.04
CA GLN B 51 13.46 10.47 -17.96
C GLN B 51 13.13 9.82 -16.61
N PRO B 52 13.97 10.07 -15.59
CA PRO B 52 13.77 9.49 -14.26
C PRO B 52 12.45 9.90 -13.62
N LYS B 53 11.83 8.96 -12.92
CA LYS B 53 10.79 9.26 -11.95
C LYS B 53 11.44 9.06 -10.60
N VAL B 54 11.11 9.93 -9.66
CA VAL B 54 11.78 10.00 -8.36
C VAL B 54 10.73 9.98 -7.26
N LEU B 55 10.91 9.13 -6.25
CA LEU B 55 10.01 9.04 -5.10
C LEU B 55 10.09 10.35 -4.33
N ALA B 56 8.94 10.91 -3.95
CA ALA B 56 8.90 12.12 -3.15
C ALA B 56 9.18 11.74 -1.69
N PRO B 57 9.95 12.53 -0.93
CA PRO B 57 10.21 13.96 -1.20
C PRO B 57 11.43 14.25 -2.08
N ASN B 58 12.51 13.52 -1.82
CA ASN B 58 13.76 13.58 -2.60
C ASN B 58 14.28 12.15 -2.85
N GLY B 59 13.39 11.17 -2.62
CA GLY B 59 13.75 9.76 -2.35
C GLY B 59 14.36 9.27 -3.60
N PRO B 60 14.65 7.96 -3.68
CA PRO B 60 15.40 7.49 -4.84
C PRO B 60 14.58 7.48 -6.17
N MET B 61 15.32 7.40 -7.27
CA MET B 61 14.75 7.13 -8.56
C MET B 61 14.14 5.76 -8.52
N ILE B 62 12.86 5.63 -8.90
CA ILE B 62 12.18 4.32 -8.96
C ILE B 62 11.93 3.79 -10.38
N GLY B 63 12.32 4.55 -11.40
CA GLY B 63 12.05 4.13 -12.78
C GLY B 63 12.22 5.25 -13.77
N VAL B 64 11.89 4.99 -15.02
CA VAL B 64 12.03 5.99 -16.06
C VAL B 64 10.82 5.95 -17.00
N GLU B 65 10.56 7.08 -17.66
CA GLU B 65 9.61 7.10 -18.79
C GLU B 65 10.41 7.05 -20.09
N ALA B 66 10.03 6.15 -20.97
CA ALA B 66 10.62 6.15 -22.31
C ALA B 66 9.96 7.22 -23.14
N LEU B 67 10.78 8.03 -23.80
CA LEU B 67 10.32 9.11 -24.63
C LEU B 67 10.98 9.04 -26.01
N LEU B 68 10.15 8.98 -27.03
CA LEU B 68 10.61 8.76 -28.39
C LEU B 68 11.25 10.02 -28.95
N ARG B 69 12.32 9.83 -29.71
CA ARG B 69 12.94 10.90 -30.50
C ARG B 69 13.31 10.37 -31.91
N TRP B 70 13.57 11.26 -32.86
CA TRP B 70 14.06 10.86 -34.21
C TRP B 70 15.45 11.43 -34.55
N GLY B 76 18.10 15.58 -38.58
CA GLY B 76 18.25 16.34 -37.35
C GLY B 76 17.79 15.55 -36.14
N LEU B 77 17.62 16.23 -35.01
CA LEU B 77 17.05 15.61 -33.81
C LEU B 77 15.57 16.00 -33.63
N ILE B 78 14.67 15.10 -33.99
CA ILE B 78 13.25 15.43 -34.10
C ILE B 78 12.48 15.06 -32.85
N THR B 79 11.66 15.99 -32.34
CA THR B 79 10.82 15.72 -31.15
C THR B 79 9.47 15.16 -31.58
N PRO B 80 8.87 14.32 -30.74
CA PRO B 80 7.66 13.64 -31.17
C PRO B 80 6.46 14.53 -31.45
N GLY B 81 6.42 15.72 -30.87
CA GLY B 81 5.35 16.66 -31.14
C GLY B 81 5.34 17.04 -32.62
N GLN B 82 6.49 16.93 -33.28
CA GLN B 82 6.61 17.29 -34.69
C GLN B 82 6.21 16.19 -35.66
N PHE B 83 6.06 14.94 -35.20
CA PHE B 83 5.71 13.86 -36.11
C PHE B 83 4.75 12.77 -35.63
N LEU B 84 4.43 12.71 -34.33
CA LEU B 84 3.46 11.71 -33.86
C LEU B 84 2.04 11.89 -34.38
N PRO B 85 1.60 13.16 -34.62
CA PRO B 85 0.26 13.33 -35.17
C PRO B 85 0.10 12.75 -36.59
N LEU B 86 1.13 12.93 -37.43
CA LEU B 86 1.16 12.31 -38.75
C LEU B 86 1.23 10.80 -38.62
N ALA B 87 2.03 10.30 -37.69
CA ALA B 87 2.07 8.87 -37.43
C ALA B 87 0.72 8.32 -36.98
N GLU B 88 0.00 9.09 -36.15
CA GLU B 88 -1.31 8.66 -35.67
C GLU B 88 -2.31 8.58 -36.82
N LYS B 89 -2.45 9.67 -37.58
CA LYS B 89 -3.37 9.76 -38.70
C LYS B 89 -3.11 8.71 -39.81
N THR B 90 -1.85 8.36 -40.03
CA THR B 90 -1.48 7.41 -41.09
C THR B 90 -1.45 5.97 -40.62
N GLY B 91 -1.40 5.74 -39.33
CA GLY B 91 -1.31 4.40 -38.80
C GLY B 91 0.12 3.92 -38.62
N LEU B 92 1.11 4.71 -39.04
CA LEU B 92 2.51 4.37 -38.84
C LEU B 92 2.87 4.29 -37.34
N ILE B 93 2.04 4.92 -36.49
CA ILE B 93 2.26 4.85 -35.04
C ILE B 93 2.25 3.41 -34.51
N VAL B 94 1.54 2.51 -35.17
CA VAL B 94 1.47 1.16 -34.64
C VAL B 94 2.82 0.40 -34.81
N GLN B 95 3.51 0.58 -35.92
CA GLN B 95 4.80 -0.07 -36.12
C GLN B 95 5.88 0.58 -35.27
N ILE B 96 5.80 1.90 -35.19
CA ILE B 96 6.72 2.67 -34.37
C ILE B 96 6.55 2.23 -32.91
N GLY B 97 5.32 1.96 -32.51
CA GLY B 97 5.02 1.47 -31.18
C GLY B 97 5.55 0.08 -30.89
N GLU B 98 5.43 -0.81 -31.85
CA GLU B 98 6.01 -2.14 -31.71
C GLU B 98 7.53 -2.02 -31.45
N TRP B 99 8.19 -1.12 -32.18
CA TRP B 99 9.61 -0.91 -32.02
C TRP B 99 9.92 -0.32 -30.65
N VAL B 100 9.16 0.70 -30.24
CA VAL B 100 9.36 1.31 -28.92
C VAL B 100 9.20 0.29 -27.79
N LEU B 101 8.13 -0.49 -27.83
CA LEU B 101 7.84 -1.45 -26.77
C LEU B 101 8.94 -2.49 -26.65
N ASP B 102 9.36 -2.99 -27.80
CA ASP B 102 10.42 -3.98 -27.88
C ASP B 102 11.72 -3.45 -27.31
N GLU B 103 12.14 -2.27 -27.76
CA GLU B 103 13.36 -1.62 -27.31
C GLU B 103 13.37 -1.31 -25.81
N ALA B 104 12.21 -0.93 -25.27
CA ALA B 104 12.09 -0.67 -23.85
C ALA B 104 12.27 -1.96 -23.06
N CYS B 105 11.62 -3.04 -23.53
CA CYS B 105 11.76 -4.32 -22.86
C CYS B 105 13.19 -4.84 -22.96
N ARG B 106 13.83 -4.63 -24.09
CA ARG B 106 15.20 -5.08 -24.30
C ARG B 106 16.11 -4.35 -23.33
N GLN B 107 15.96 -3.03 -23.27
CA GLN B 107 16.78 -2.19 -22.41
C GLN B 107 16.62 -2.53 -20.94
N MET B 108 15.38 -2.76 -20.50
CA MET B 108 15.14 -3.12 -19.11
C MET B 108 15.84 -4.44 -18.75
N ARG B 109 15.67 -5.45 -19.62
CA ARG B 109 16.35 -6.73 -19.44
C ARG B 109 17.86 -6.51 -19.29
N LEU B 110 18.46 -5.78 -20.23
CA LEU B 110 19.89 -5.47 -20.22
C LEU B 110 20.31 -4.84 -18.88
N TRP B 111 19.57 -3.83 -18.43
CA TRP B 111 19.82 -3.24 -17.14
C TRP B 111 19.71 -4.32 -16.05
N LEU B 112 18.56 -5.01 -15.99
CA LEU B 112 18.38 -6.10 -15.03
C LEU B 112 19.27 -7.29 -15.37
N ALA B 117 19.75 -1.33 -11.86
CA ALA B 117 18.62 -1.99 -12.47
C ALA B 117 17.63 -2.56 -11.45
N ASP B 118 17.20 -1.73 -10.52
CA ASP B 118 16.18 -2.14 -9.55
C ASP B 118 14.88 -1.34 -9.82
N TRP B 119 14.62 -1.01 -11.09
CA TRP B 119 13.57 -0.03 -11.40
C TRP B 119 12.66 -0.47 -12.56
N ASN B 120 11.65 0.34 -12.89
CA ASN B 120 10.68 -0.03 -13.93
C ASN B 120 10.65 0.97 -15.07
N ILE B 121 9.92 0.63 -16.13
CA ILE B 121 9.92 1.48 -17.32
C ILE B 121 8.51 1.75 -17.85
N ALA B 122 8.24 3.00 -18.18
CA ALA B 122 6.93 3.41 -18.62
C ALA B 122 6.94 3.71 -20.12
N VAL B 123 6.01 3.10 -20.86
CA VAL B 123 5.86 3.38 -22.30
C VAL B 123 4.51 4.01 -22.64
N ASN B 124 4.54 5.04 -23.47
CA ASN B 124 3.31 5.74 -23.84
C ASN B 124 2.53 5.06 -24.94
N LEU B 125 1.20 5.07 -24.81
CA LEU B 125 0.30 4.57 -25.85
C LEU B 125 -0.64 5.66 -26.36
N SER B 126 -0.60 5.90 -27.66
CA SER B 126 -1.51 6.81 -28.32
C SER B 126 -2.90 6.18 -28.33
N ALA B 127 -3.89 6.97 -28.74
CA ALA B 127 -5.28 6.49 -28.83
C ALA B 127 -5.40 5.34 -29.83
N LEU B 128 -4.69 5.43 -30.96
CA LEU B 128 -4.72 4.32 -31.94
C LEU B 128 -4.05 3.07 -31.37
N GLN B 129 -2.92 3.21 -30.71
CA GLN B 129 -2.24 2.04 -30.15
C GLN B 129 -3.12 1.38 -29.09
N PHE B 130 -3.81 2.20 -28.30
CA PHE B 130 -4.63 1.66 -27.21
C PHE B 130 -5.80 0.87 -27.75
N ALA B 131 -6.37 1.35 -28.86
CA ALA B 131 -7.53 0.71 -29.50
C ALA B 131 -7.17 -0.42 -30.46
N HIS B 132 -5.91 -0.50 -30.87
CA HIS B 132 -5.45 -1.48 -31.86
C HIS B 132 -5.69 -2.91 -31.37
N ALA B 133 -6.39 -3.70 -32.16
CA ALA B 133 -6.71 -5.08 -31.82
C ALA B 133 -5.51 -5.89 -31.31
N GLY B 134 -4.33 -5.62 -31.86
CA GLY B 134 -3.13 -6.38 -31.48
C GLY B 134 -2.49 -6.05 -30.12
N LEU B 135 -2.84 -4.89 -29.55
CA LEU B 135 -2.14 -4.39 -28.37
C LEU B 135 -1.85 -5.41 -27.26
N VAL B 136 -2.89 -6.07 -26.74
CA VAL B 136 -2.76 -6.95 -25.59
C VAL B 136 -1.97 -8.21 -25.87
N ASP B 137 -2.11 -8.77 -27.08
CA ASP B 137 -1.29 -9.92 -27.47
C ASP B 137 0.19 -9.48 -27.47
N SER B 138 0.42 -8.31 -28.05
CA SER B 138 1.76 -7.77 -28.23
C SER B 138 2.47 -7.41 -26.90
N VAL B 139 1.73 -6.95 -25.91
CA VAL B 139 2.37 -6.63 -24.62
C VAL B 139 2.79 -7.94 -23.95
N ARG B 140 1.84 -8.87 -23.86
CA ARG B 140 2.11 -10.18 -23.30
C ARG B 140 3.29 -10.85 -24.01
N ASN B 141 3.28 -10.82 -25.35
CA ASN B 141 4.36 -11.46 -26.10
C ASN B 141 5.73 -10.81 -25.84
N ALA B 142 5.77 -9.49 -25.74
CA ALA B 142 7.06 -8.80 -25.52
C ALA B 142 7.69 -9.09 -24.16
N LEU B 143 6.87 -9.21 -23.12
CA LEU B 143 7.33 -9.58 -21.80
C LEU B 143 7.80 -11.05 -21.74
N LEU B 144 7.02 -11.93 -22.37
CA LEU B 144 7.41 -13.35 -22.53
C LEU B 144 8.74 -13.51 -23.32
N ARG B 145 8.83 -12.88 -24.49
CA ARG B 145 10.06 -12.88 -25.32
C ARG B 145 11.36 -12.57 -24.56
N HIS B 146 11.30 -11.64 -23.60
CA HIS B 146 12.50 -11.22 -22.85
C HIS B 146 12.52 -11.74 -21.41
N SER B 147 11.61 -12.67 -21.10
CA SER B 147 11.49 -13.26 -19.76
C SER B 147 11.48 -12.15 -18.71
N LEU B 148 10.65 -11.14 -18.93
CA LEU B 148 10.64 -9.94 -18.11
C LEU B 148 9.38 -9.90 -17.25
N GLU B 149 9.57 -9.88 -15.93
CA GLU B 149 8.46 -9.80 -15.00
C GLU B 149 7.53 -8.63 -15.37
N PRO B 150 6.21 -8.88 -15.38
CA PRO B 150 5.29 -7.84 -15.85
C PRO B 150 5.24 -6.62 -14.94
N SER B 151 5.68 -6.80 -13.69
CA SER B 151 5.78 -5.72 -12.74
C SER B 151 6.82 -4.65 -13.12
N HIS B 152 7.68 -4.92 -14.10
CA HIS B 152 8.70 -3.95 -14.46
C HIS B 152 8.29 -3.00 -15.61
N LEU B 153 7.09 -3.19 -16.13
CA LEU B 153 6.63 -2.42 -17.29
C LEU B 153 5.40 -1.63 -16.93
N ILE B 154 5.43 -0.34 -17.24
CA ILE B 154 4.26 0.51 -17.03
C ILE B 154 3.75 0.99 -18.40
N LEU B 155 2.44 0.91 -18.60
CA LEU B 155 1.82 1.50 -19.78
C LEU B 155 1.04 2.75 -19.39
N GLU B 156 1.35 3.87 -20.07
CA GLU B 156 0.67 5.15 -19.89
C GLU B 156 -0.34 5.45 -21.02
N VAL B 157 -1.62 5.60 -20.66
CA VAL B 157 -2.60 6.08 -21.61
C VAL B 157 -3.19 7.35 -21.05
N THR B 158 -3.50 8.31 -21.92
CA THR B 158 -4.01 9.59 -21.39
C THR B 158 -5.43 9.43 -20.83
N GLU B 159 -5.81 10.36 -19.95
CA GLU B 159 -7.18 10.46 -19.46
C GLU B 159 -8.20 10.43 -20.61
N SER B 160 -7.96 11.23 -21.65
CA SER B 160 -8.88 11.29 -22.79
C SER B 160 -9.02 9.95 -23.43
N THR B 161 -7.88 9.33 -23.69
CA THR B 161 -7.88 8.06 -24.39
C THR B 161 -8.69 7.06 -23.59
N ALA B 162 -8.46 7.00 -22.27
CA ALA B 162 -9.08 5.97 -21.43
C ALA B 162 -10.57 6.19 -21.31
N MET B 163 -10.97 7.45 -21.23
CA MET B 163 -12.34 7.83 -20.97
C MET B 163 -13.22 7.91 -22.24
N ARG B 164 -12.61 7.90 -23.43
CA ARG B 164 -13.39 8.03 -24.63
C ARG B 164 -14.46 6.93 -24.70
N ASP B 165 -14.04 5.68 -24.65
CA ASP B 165 -14.99 4.57 -24.55
C ASP B 165 -14.54 3.70 -23.38
N ALA B 166 -15.03 4.10 -22.20
CA ALA B 166 -14.59 3.54 -20.93
C ALA B 166 -14.83 2.03 -20.81
N ASP B 167 -15.94 1.52 -21.36
CA ASP B 167 -16.19 0.06 -21.28
C ASP B 167 -15.17 -0.70 -22.10
N ALA B 168 -14.72 -0.13 -23.22
CA ALA B 168 -13.71 -0.78 -24.03
C ALA B 168 -12.35 -0.64 -23.39
N SER B 169 -12.06 0.52 -22.80
CA SER B 169 -10.82 0.67 -22.02
C SER B 169 -10.72 -0.39 -20.93
N LEU B 170 -11.86 -0.71 -20.34
CA LEU B 170 -11.91 -1.64 -19.22
C LEU B 170 -11.56 -3.06 -19.68
N VAL B 171 -12.08 -3.49 -20.84
CA VAL B 171 -11.75 -4.83 -21.33
C VAL B 171 -10.24 -4.92 -21.55
N ILE B 172 -9.68 -3.92 -22.22
CA ILE B 172 -8.26 -3.90 -22.53
C ILE B 172 -7.39 -3.81 -21.28
N LEU B 173 -7.70 -2.87 -20.39
CA LEU B 173 -6.87 -2.69 -19.21
C LEU B 173 -6.99 -3.84 -18.23
N GLU B 174 -8.18 -4.45 -18.10
CA GLU B 174 -8.32 -5.64 -17.24
C GLU B 174 -7.37 -6.76 -17.67
N GLN B 175 -7.30 -7.01 -18.98
CA GLN B 175 -6.37 -8.02 -19.48
C GLN B 175 -4.95 -7.66 -19.07
N LEU B 176 -4.54 -6.42 -19.37
CA LEU B 176 -3.21 -5.93 -19.03
C LEU B 176 -2.89 -6.02 -17.52
N SER B 177 -3.86 -5.72 -16.68
CA SER B 177 -3.69 -5.74 -15.24
C SER B 177 -3.64 -7.16 -14.68
N ALA B 178 -4.40 -8.07 -15.28
CA ALA B 178 -4.35 -9.48 -14.87
C ALA B 178 -2.98 -10.11 -15.23
N MET B 179 -2.36 -9.61 -16.27
CA MET B 179 -1.02 -10.02 -16.67
C MET B 179 0.04 -9.46 -15.73
N GLY B 180 -0.33 -8.45 -14.95
CA GLY B 180 0.57 -7.88 -13.93
C GLY B 180 1.24 -6.58 -14.32
N VAL B 181 0.91 -6.06 -15.51
CA VAL B 181 1.50 -4.82 -16.02
C VAL B 181 0.95 -3.60 -15.29
N GLY B 182 1.81 -2.63 -15.02
CA GLY B 182 1.40 -1.42 -14.34
C GLY B 182 0.67 -0.52 -15.33
N ILE B 183 -0.41 0.13 -14.88
CA ILE B 183 -1.24 0.96 -15.74
C ILE B 183 -1.33 2.36 -15.16
N SER B 184 -0.87 3.33 -15.94
CA SER B 184 -0.82 4.72 -15.54
C SER B 184 -1.71 5.57 -16.44
N ILE B 185 -2.49 6.45 -15.84
CA ILE B 185 -3.32 7.39 -16.59
C ILE B 185 -2.60 8.73 -16.66
N ASP B 186 -2.16 9.09 -17.86
CA ASP B 186 -1.29 10.23 -18.11
C ASP B 186 -2.09 11.54 -18.36
N ASP B 187 -1.40 12.66 -18.35
CA ASP B 187 -2.01 13.99 -18.62
C ASP B 187 -3.29 14.19 -17.83
N PHE B 188 -3.29 13.78 -16.58
CA PHE B 188 -4.50 13.78 -15.82
C PHE B 188 -4.87 15.21 -15.45
N GLY B 189 -6.15 15.51 -15.59
CA GLY B 189 -6.66 16.84 -15.28
C GLY B 189 -7.00 17.59 -16.55
N THR B 190 -6.55 17.04 -17.69
CA THR B 190 -6.76 17.68 -19.00
C THR B 190 -7.92 17.07 -19.81
N GLY B 191 -8.47 15.96 -19.35
CA GLY B 191 -9.57 15.35 -20.04
C GLY B 191 -10.83 15.42 -19.21
N TYR B 192 -11.78 14.52 -19.49
CA TYR B 192 -13.03 14.43 -18.77
C TYR B 192 -13.19 13.03 -18.21
N SER B 193 -13.24 12.89 -16.88
CA SER B 193 -13.34 11.54 -16.28
C SER B 193 -14.68 11.23 -15.60
N SER B 194 -15.16 10.01 -15.79
CA SER B 194 -16.20 9.47 -14.91
C SER B 194 -15.56 8.91 -13.64
N LEU B 195 -15.96 9.43 -12.49
CA LEU B 195 -15.48 8.94 -11.19
C LEU B 195 -15.78 7.47 -11.02
N LEU B 196 -16.93 7.06 -11.57
CA LEU B 196 -17.29 5.65 -11.56
C LEU B 196 -16.23 4.83 -12.28
N TYR B 197 -15.92 5.19 -13.52
CA TYR B 197 -14.94 4.43 -14.30
C TYR B 197 -13.52 4.66 -13.80
N LEU B 198 -13.27 5.79 -13.18
CA LEU B 198 -11.96 6.03 -12.63
C LEU B 198 -11.67 5.03 -11.50
N LYS B 199 -12.70 4.59 -10.77
CA LYS B 199 -12.53 3.54 -9.76
C LYS B 199 -12.44 2.15 -10.42
N ARG B 200 -13.28 1.92 -11.43
CA ARG B 200 -13.36 0.60 -12.07
C ARG B 200 -12.15 0.23 -12.85
N LEU B 201 -11.49 1.19 -13.48
CA LEU B 201 -10.30 0.88 -14.26
C LEU B 201 -9.20 0.44 -13.31
N PRO B 202 -8.46 -0.61 -13.68
CA PRO B 202 -7.39 -1.15 -12.83
C PRO B 202 -6.09 -0.37 -13.01
N ALA B 203 -6.17 0.93 -12.81
CA ALA B 203 -5.01 1.77 -12.90
C ALA B 203 -4.29 1.65 -11.58
N SER B 204 -3.01 1.95 -11.58
CA SER B 204 -2.24 1.96 -10.35
C SER B 204 -1.71 3.36 -10.07
N GLU B 205 -1.70 4.23 -11.07
CA GLU B 205 -1.26 5.60 -10.87
C GLU B 205 -1.91 6.64 -11.80
N LEU B 206 -2.06 7.86 -11.30
CA LEU B 206 -2.37 9.02 -12.13
C LEU B 206 -1.16 9.95 -12.21
N LYS B 207 -0.96 10.54 -13.39
CA LYS B 207 0.14 11.49 -13.62
C LYS B 207 -0.43 12.88 -13.89
N ILE B 208 -0.20 13.79 -12.97
CA ILE B 208 -0.72 15.13 -13.10
C ILE B 208 -0.13 15.85 -14.34
N ASP B 209 -1.01 16.50 -15.11
CA ASP B 209 -0.56 17.15 -16.31
C ASP B 209 0.39 18.27 -16.04
N ARG B 210 1.45 18.32 -16.83
CA ARG B 210 2.49 19.33 -16.77
C ARG B 210 1.94 20.74 -16.78
N GLY B 211 0.83 20.92 -17.47
CA GLY B 211 0.17 22.21 -17.55
C GLY B 211 -0.27 22.79 -16.23
N PHE B 212 -0.47 21.98 -15.20
CA PHE B 212 -0.84 22.54 -13.89
C PHE B 212 0.38 22.98 -13.06
N ILE B 213 1.57 22.62 -13.50
CA ILE B 213 2.78 22.85 -12.75
C ILE B 213 3.50 24.10 -13.26
N ASN B 214 3.04 25.27 -12.79
CA ASN B 214 3.69 26.55 -13.11
C ASN B 214 4.08 27.27 -11.81
N GLU B 215 3.50 28.43 -11.52
CA GLU B 215 3.90 29.21 -10.35
C GLU B 215 3.38 28.60 -9.04
N LEU B 216 2.25 27.88 -9.11
CA LEU B 216 1.74 27.12 -7.97
C LEU B 216 1.73 27.92 -6.69
N ALA B 217 1.14 29.11 -6.76
CA ALA B 217 0.76 29.86 -5.58
C ALA B 217 -0.19 29.03 -4.77
N HIS B 218 -0.17 29.18 -3.46
CA HIS B 218 -0.97 28.36 -2.55
C HIS B 218 -2.47 28.47 -2.77
N ASP B 219 -2.94 29.62 -3.24
CA ASP B 219 -4.38 29.85 -3.48
C ASP B 219 -4.71 29.78 -4.96
N SER B 220 -3.81 29.24 -5.75
CA SER B 220 -4.09 29.09 -7.19
C SER B 220 -5.07 27.96 -7.46
N ASP B 221 -5.76 28.08 -8.60
CA ASP B 221 -6.59 27.03 -9.14
C ASP B 221 -5.76 25.76 -9.46
N ASP B 222 -4.54 25.96 -9.93
CA ASP B 222 -3.60 24.86 -10.19
C ASP B 222 -3.32 24.02 -8.93
N ALA B 223 -3.09 24.68 -7.80
CA ALA B 223 -2.80 24.00 -6.53
C ALA B 223 -4.02 23.23 -6.05
N ALA B 224 -5.19 23.81 -6.26
CA ALA B 224 -6.43 23.14 -5.87
C ALA B 224 -6.59 21.85 -6.68
N ILE B 225 -6.26 21.92 -7.96
CA ILE B 225 -6.45 20.78 -8.84
C ILE B 225 -5.44 19.71 -8.49
N VAL B 226 -4.20 20.09 -8.22
CA VAL B 226 -3.21 19.12 -7.69
C VAL B 226 -3.71 18.45 -6.39
N SER B 227 -4.29 19.23 -5.50
CA SER B 227 -4.84 18.66 -4.28
C SER B 227 -5.95 17.71 -4.59
N ALA B 228 -6.79 18.03 -5.57
CA ALA B 228 -7.93 17.18 -5.90
C ALA B 228 -7.45 15.83 -6.47
N ILE B 229 -6.42 15.87 -7.30
CA ILE B 229 -5.85 14.66 -7.90
C ILE B 229 -5.22 13.83 -6.80
N VAL B 230 -4.43 14.45 -5.93
CA VAL B 230 -3.91 13.74 -4.75
C VAL B 230 -5.03 13.09 -3.95
N ALA B 231 -6.14 13.79 -3.74
CA ALA B 231 -7.22 13.22 -2.97
C ALA B 231 -7.89 12.06 -3.72
N LEU B 232 -7.97 12.14 -5.03
CA LEU B 232 -8.43 11.00 -5.80
C LEU B 232 -7.53 9.76 -5.61
N GLY B 233 -6.22 9.99 -5.62
CA GLY B 233 -5.24 8.97 -5.31
C GLY B 233 -5.47 8.32 -3.97
N ARG B 234 -5.60 9.17 -2.96
CA ARG B 234 -5.81 8.69 -1.60
C ARG B 234 -7.11 7.90 -1.44
N THR B 235 -8.18 8.31 -2.09
CA THR B 235 -9.49 7.67 -1.88
C THR B 235 -9.69 6.50 -2.82
N LEU B 236 -9.09 6.54 -4.00
CA LEU B 236 -9.20 5.42 -4.96
C LEU B 236 -7.99 4.45 -4.96
N ASN B 237 -7.02 4.70 -4.10
CA ASN B 237 -5.85 3.83 -3.98
C ASN B 237 -4.99 3.85 -5.23
N LEU B 238 -4.58 5.06 -5.60
CA LEU B 238 -3.70 5.28 -6.75
C LEU B 238 -2.52 6.15 -6.33
N LYS B 239 -1.33 5.78 -6.79
CA LYS B 239 -0.16 6.63 -6.68
C LYS B 239 -0.32 7.82 -7.60
N ILE B 240 0.19 8.95 -7.17
CA ILE B 240 0.12 10.19 -7.93
C ILE B 240 1.52 10.70 -8.30
N VAL B 241 1.77 10.91 -9.59
CA VAL B 241 3.04 11.39 -10.06
C VAL B 241 2.86 12.83 -10.54
N ALA B 242 3.67 13.75 -10.06
CA ALA B 242 3.69 15.08 -10.62
C ALA B 242 4.75 15.13 -11.72
N GLU B 243 4.35 15.69 -12.85
CA GLU B 243 5.19 15.78 -14.01
C GLU B 243 5.50 17.27 -14.31
N GLY B 244 6.69 17.56 -14.82
CA GLY B 244 7.05 18.96 -15.15
C GLY B 244 7.68 19.76 -14.01
N VAL B 245 8.30 19.06 -13.08
CA VAL B 245 8.91 19.72 -11.95
C VAL B 245 10.22 20.36 -12.41
N GLU B 246 10.26 21.70 -12.44
CA GLU B 246 11.44 22.43 -12.89
C GLU B 246 12.14 23.26 -11.80
N THR B 247 11.47 23.53 -10.68
CA THR B 247 12.03 24.42 -9.66
C THR B 247 11.94 23.77 -8.30
N GLU B 248 12.76 24.28 -7.37
CA GLU B 248 12.79 23.75 -6.01
C GLU B 248 11.44 23.93 -5.32
N ALA B 249 10.80 25.07 -5.56
CA ALA B 249 9.57 25.41 -4.86
C ALA B 249 8.42 24.50 -5.29
N GLN B 250 8.39 24.17 -6.59
CA GLN B 250 7.43 23.21 -7.09
C GLN B 250 7.63 21.84 -6.42
N GLN B 251 8.89 21.39 -6.37
CA GLN B 251 9.21 20.12 -5.75
C GLN B 251 8.69 20.08 -4.31
N GLU B 252 9.09 21.07 -3.54
CA GLU B 252 8.70 21.17 -2.16
C GLU B 252 7.17 21.22 -2.00
N PHE B 253 6.51 22.06 -2.78
CA PHE B 253 5.08 22.24 -2.60
C PHE B 253 4.34 21.00 -3.06
N LEU B 254 4.74 20.41 -4.19
CA LEU B 254 4.06 19.22 -4.66
C LEU B 254 4.25 18.06 -3.68
N THR B 255 5.41 18.00 -3.05
CA THR B 255 5.66 16.96 -2.04
C THR B 255 4.73 17.17 -0.81
N ARG B 256 4.65 18.40 -0.30
CA ARG B 256 3.76 18.69 0.83
C ARG B 256 2.29 18.47 0.53
N LEU B 257 1.89 18.60 -0.73
CA LEU B 257 0.50 18.36 -1.12
C LEU B 257 0.23 16.88 -1.15
N GLY B 258 1.27 16.07 -1.28
CA GLY B 258 1.17 14.65 -1.05
C GLY B 258 1.39 13.79 -2.30
N CYS B 259 1.97 14.37 -3.35
CA CYS B 259 2.34 13.60 -4.54
C CYS B 259 3.36 12.49 -4.13
N ASN B 260 3.23 11.32 -4.71
CA ASN B 260 4.04 10.15 -4.31
C ASN B 260 5.37 10.12 -5.05
N SER B 261 5.36 10.63 -6.29
CA SER B 261 6.59 10.72 -7.06
C SER B 261 6.60 11.92 -8.01
N LEU B 262 7.79 12.26 -8.49
CA LEU B 262 8.03 13.46 -9.26
C LEU B 262 8.81 13.12 -10.50
N GLN B 263 8.54 13.89 -11.56
CA GLN B 263 9.28 13.82 -12.80
C GLN B 263 9.45 15.24 -13.30
N GLY B 264 10.60 15.56 -13.85
CA GLY B 264 10.78 16.88 -14.44
C GLY B 264 12.25 17.21 -14.64
N PHE B 265 12.49 18.30 -15.35
CA PHE B 265 13.83 18.74 -15.71
C PHE B 265 14.72 18.99 -14.50
N LEU B 266 14.15 19.37 -13.37
CA LEU B 266 14.95 19.59 -12.18
C LEU B 266 15.55 18.28 -11.69
N LEU B 267 14.77 17.20 -11.76
CA LEU B 267 15.23 15.90 -11.30
C LEU B 267 16.01 15.11 -12.33
N GLY B 268 15.91 15.48 -13.59
CA GLY B 268 16.66 14.81 -14.64
C GLY B 268 15.93 14.92 -15.95
N ARG B 269 16.60 15.42 -16.97
CA ARG B 269 16.02 15.54 -18.29
C ARG B 269 16.05 14.20 -18.96
N PRO B 270 15.22 14.04 -20.01
CA PRO B 270 15.30 12.84 -20.81
C PRO B 270 16.68 12.76 -21.43
N MET B 271 17.28 11.58 -21.38
CA MET B 271 18.55 11.36 -22.06
C MET B 271 18.69 9.91 -22.51
N PRO B 272 19.59 9.66 -23.48
CA PRO B 272 19.78 8.26 -23.93
C PRO B 272 20.39 7.37 -22.85
N ALA B 273 20.14 6.07 -22.95
CA ALA B 273 20.59 5.09 -21.95
C ALA B 273 22.04 5.26 -21.52
N GLU B 274 22.93 5.50 -22.48
CA GLU B 274 24.34 5.68 -22.18
C GLU B 274 24.60 6.88 -21.25
N GLN B 275 24.10 8.05 -21.66
CA GLN B 275 24.31 9.28 -20.90
C GLN B 275 23.67 9.18 -19.52
N LEU B 276 22.56 8.46 -19.42
CA LEU B 276 21.90 8.24 -18.14
C LEU B 276 22.82 7.49 -17.21
N LEU B 277 23.56 6.53 -17.77
CA LEU B 277 24.58 5.71 -17.07
C LEU B 277 23.88 4.71 -16.17
#